data_8FWH
#
_entry.id   8FWH
#
_cell.length_a   159.287
_cell.length_b   44.390
_cell.length_c   89.084
_cell.angle_alpha   90.000
_cell.angle_beta   106.136
_cell.angle_gamma   90.000
#
_symmetry.space_group_name_H-M   'C 1 2 1'
#
loop_
_entity.id
_entity.type
_entity.pdbx_description
1 polymer 'Anti-human LAG3 (22D2) heavy chain'
2 polymer 'Anti-human LAG3 (22D2) light chain'
3 non-polymer 1,2-ETHANEDIOL
4 water water
#
loop_
_entity_poly.entity_id
_entity_poly.type
_entity_poly.pdbx_seq_one_letter_code
_entity_poly.pdbx_strand_id
1 'polypeptide(L)'
;EVLLLQSGPELVKPGTSVKIPCKASGYTFTDYNVDWVKQRHGKGLEWIGDINPNNGGTIYSQKFKGKATLTVDKSSSTAF
MELRSLTSEDTAVYFCARNYRWFGAMDHWGQGTSVTVSSTKGPSVFPLAPSSKSTSGGTAALGCLVKDYFPEPVTVSWNS
GALTSGVHTFPAVLQSSGLYSLSSVVTVPSSSLGTQTYICNVNHKPSNTKVDKRVEPKSCDKT
;
HHH
2 'polypeptide(L)'
;DIVLTQSPASLAVSPGQRATISCKASQSLDYEGDSDMNWYQQKPGQPPRLLISGASNLESGIPARFSGSGSGTDFTVNIH
PVEEEDAATYYCQQSTEDPRTFGGGTKLEIKRTVAAPSVFIFPPSDEQLKSGTASVVCLLNNFYPREAKYQWKVDNALQS
GNSQESVTEQDSKDSTYSLSSTLTLSKADYEKHKVYACEVTHQGLSSPVTKSFNRGEC
;
LLL
#
loop_
_chem_comp.id
_chem_comp.type
_chem_comp.name
_chem_comp.formula
EDO non-polymer 1,2-ETHANEDIOL 'C2 H6 O2'
#
# COMPACT_ATOMS: atom_id res chain seq x y z
N GLU A 1 -9.31 -20.11 13.65
CA GLU A 1 -10.72 -20.49 14.02
C GLU A 1 -11.68 -19.82 13.03
N VAL A 2 -12.24 -18.66 13.39
CA VAL A 2 -13.27 -17.96 12.59
C VAL A 2 -12.63 -17.54 11.26
N LEU A 3 -13.10 -18.12 10.15
CA LEU A 3 -12.58 -17.86 8.79
C LEU A 3 -13.74 -17.65 7.81
N LEU A 4 -13.75 -16.52 7.11
CA LEU A 4 -14.66 -16.27 5.97
C LEU A 4 -13.84 -16.38 4.68
N LEU A 5 -14.30 -17.18 3.72
CA LEU A 5 -13.56 -17.46 2.47
C LEU A 5 -14.42 -17.05 1.28
N GLN A 6 -13.86 -16.21 0.42
CA GLN A 6 -14.52 -15.69 -0.81
C GLN A 6 -13.76 -16.20 -2.04
N SER A 7 -14.34 -16.13 -3.23
CA SER A 7 -13.70 -16.52 -4.51
C SER A 7 -12.56 -15.55 -4.85
N GLY A 8 -11.71 -15.90 -5.81
CA GLY A 8 -10.60 -15.06 -6.29
C GLY A 8 -11.09 -13.98 -7.25
N PRO A 9 -10.18 -13.30 -7.99
CA PRO A 9 -10.56 -12.16 -8.83
C PRO A 9 -11.39 -12.60 -10.06
N GLU A 10 -12.54 -11.95 -10.27
CA GLU A 10 -13.49 -12.25 -11.36
C GLU A 10 -13.37 -11.18 -12.44
N LEU A 11 -13.13 -11.58 -13.68
CA LEU A 11 -13.36 -10.68 -14.85
C LEU A 11 -14.75 -11.04 -15.40
N VAL A 12 -15.57 -10.02 -15.66
CA VAL A 12 -16.97 -10.25 -16.11
C VAL A 12 -17.43 -9.12 -17.04
N LYS A 13 -18.30 -9.47 -17.99
CA LYS A 13 -18.73 -8.61 -19.11
C LYS A 13 -19.84 -7.69 -18.62
N PRO A 14 -19.90 -6.41 -19.08
CA PRO A 14 -21.05 -5.56 -18.77
C PRO A 14 -22.36 -6.22 -19.21
N GLY A 15 -23.36 -6.20 -18.32
CA GLY A 15 -24.74 -6.63 -18.61
C GLY A 15 -24.98 -8.08 -18.23
N THR A 16 -24.04 -8.71 -17.53
CA THR A 16 -24.16 -10.09 -17.00
C THR A 16 -24.38 -10.04 -15.48
N SER A 17 -24.01 -11.10 -14.75
CA SER A 17 -24.39 -11.34 -13.33
C SER A 17 -23.41 -12.31 -12.66
N VAL A 18 -22.66 -11.83 -11.67
CA VAL A 18 -21.67 -12.63 -10.88
C VAL A 18 -22.32 -13.03 -9.56
N LYS A 19 -22.21 -14.30 -9.15
CA LYS A 19 -22.65 -14.79 -7.80
C LYS A 19 -21.39 -15.05 -6.99
N ILE A 20 -21.15 -14.24 -5.96
CA ILE A 20 -19.93 -14.28 -5.10
C ILE A 20 -20.23 -15.13 -3.86
N PRO A 21 -19.44 -16.21 -3.63
CA PRO A 21 -19.55 -16.99 -2.39
C PRO A 21 -18.88 -16.36 -1.16
N CYS A 22 -19.03 -17.03 -0.02
CA CYS A 22 -18.42 -16.67 1.29
C CYS A 22 -18.56 -17.87 2.25
N LYS A 23 -17.54 -18.74 2.33
CA LYS A 23 -17.55 -20.01 3.11
C LYS A 23 -17.20 -19.73 4.58
N ALA A 24 -18.21 -19.76 5.46
CA ALA A 24 -18.08 -19.46 6.91
C ALA A 24 -17.70 -20.72 7.68
N SER A 25 -16.84 -20.57 8.69
CA SER A 25 -16.22 -21.71 9.41
C SER A 25 -15.59 -21.23 10.73
N GLY A 26 -15.53 -22.14 11.71
CA GLY A 26 -14.94 -21.90 13.03
C GLY A 26 -15.90 -21.22 13.99
N TYR A 27 -17.19 -21.10 13.61
CA TYR A 27 -18.27 -20.51 14.43
C TYR A 27 -19.61 -21.11 13.99
N THR A 28 -20.68 -20.78 14.72
CA THR A 28 -22.06 -21.33 14.52
C THR A 28 -22.55 -21.08 13.09
N PHE A 29 -22.27 -19.90 12.53
CA PHE A 29 -22.69 -19.43 11.17
C PHE A 29 -24.15 -19.02 11.20
N THR A 30 -25.06 -19.97 11.46
CA THR A 30 -26.53 -19.71 11.51
C THR A 30 -26.90 -18.77 12.67
N ASP A 31 -25.94 -18.37 13.53
CA ASP A 31 -26.21 -17.51 14.71
C ASP A 31 -25.85 -16.04 14.43
N TYR A 32 -25.00 -15.75 13.42
CA TYR A 32 -24.51 -14.39 13.13
C TYR A 32 -24.91 -13.93 11.72
N ASN A 33 -25.34 -12.67 11.59
CA ASN A 33 -25.63 -12.03 10.29
C ASN A 33 -24.33 -11.90 9.48
N VAL A 34 -24.45 -11.95 8.15
CA VAL A 34 -23.30 -11.72 7.23
C VAL A 34 -23.56 -10.42 6.46
N ASP A 35 -22.76 -9.38 6.69
CA ASP A 35 -22.87 -8.08 5.97
C ASP A 35 -21.99 -8.11 4.72
N TRP A 36 -22.34 -7.30 3.72
CA TRP A 36 -21.58 -7.16 2.46
C TRP A 36 -21.19 -5.68 2.26
N VAL A 37 -19.99 -5.45 1.76
CA VAL A 37 -19.39 -4.08 1.66
C VAL A 37 -18.60 -3.98 0.35
N LYS A 38 -18.78 -2.86 -0.36
CA LYS A 38 -18.14 -2.57 -1.67
C LYS A 38 -17.00 -1.57 -1.47
N GLN A 39 -15.85 -1.79 -2.08
CA GLN A 39 -14.73 -0.83 -2.04
C GLN A 39 -14.08 -0.69 -3.42
N ARG A 40 -14.13 0.54 -3.97
CA ARG A 40 -13.47 0.89 -5.24
C ARG A 40 -12.00 1.19 -4.96
N HIS A 41 -11.13 1.06 -5.98
CA HIS A 41 -9.66 1.26 -5.87
C HIS A 41 -9.37 2.57 -5.13
N GLY A 42 -8.66 2.47 -4.00
CA GLY A 42 -8.15 3.62 -3.22
C GLY A 42 -9.26 4.55 -2.75
N LYS A 43 -10.53 4.10 -2.81
CA LYS A 43 -11.71 4.83 -2.26
C LYS A 43 -12.07 4.17 -0.92
N GLY A 44 -13.25 4.46 -0.37
CA GLY A 44 -13.69 4.03 0.98
C GLY A 44 -14.70 2.89 0.96
N LEU A 45 -15.30 2.59 2.13
CA LEU A 45 -16.17 1.41 2.35
C LEU A 45 -17.65 1.81 2.24
N GLU A 46 -18.40 1.08 1.41
CA GLU A 46 -19.85 1.26 1.17
C GLU A 46 -20.60 0.00 1.63
N TRP A 47 -21.53 0.14 2.57
CA TRP A 47 -22.32 -1.02 3.04
C TRP A 47 -23.37 -1.33 1.97
N ILE A 48 -23.46 -2.60 1.59
CA ILE A 48 -24.47 -3.11 0.63
C ILE A 48 -25.70 -3.61 1.42
N GLY A 49 -25.50 -4.32 2.52
CA GLY A 49 -26.59 -5.01 3.20
C GLY A 49 -26.12 -6.22 3.99
N ASP A 50 -27.07 -6.87 4.66
CA ASP A 50 -26.82 -8.02 5.54
C ASP A 50 -27.98 -8.99 5.39
N ILE A 51 -27.68 -10.27 5.64
CA ILE A 51 -28.67 -11.37 5.59
C ILE A 51 -28.52 -12.14 6.90
N ASN A 52 -29.63 -12.40 7.58
CA ASN A 52 -29.66 -13.32 8.74
C ASN A 52 -29.76 -14.74 8.21
N PRO A 53 -28.71 -15.57 8.36
CA PRO A 53 -28.69 -16.92 7.79
C PRO A 53 -29.84 -17.82 8.28
N ASN A 54 -30.36 -17.56 9.49
CA ASN A 54 -31.49 -18.33 10.08
C ASN A 54 -32.71 -18.27 9.17
N ASN A 55 -33.26 -17.07 8.91
CA ASN A 55 -34.54 -16.89 8.17
C ASN A 55 -34.27 -16.52 6.71
N GLY A 56 -33.03 -16.13 6.39
CA GLY A 56 -32.64 -15.59 5.08
C GLY A 56 -33.13 -14.17 4.88
N GLY A 57 -33.58 -13.51 5.96
CA GLY A 57 -34.06 -12.12 5.95
C GLY A 57 -32.91 -11.20 5.58
N THR A 58 -33.20 -10.18 4.79
CA THR A 58 -32.18 -9.31 4.17
C THR A 58 -32.58 -7.85 4.35
N ILE A 59 -31.64 -7.00 4.79
CA ILE A 59 -31.74 -5.53 4.66
C ILE A 59 -30.71 -5.08 3.62
N TYR A 60 -31.11 -4.18 2.74
CA TYR A 60 -30.28 -3.62 1.65
C TYR A 60 -30.14 -2.11 1.87
N SER A 61 -28.99 -1.53 1.53
CA SER A 61 -28.86 -0.06 1.32
C SER A 61 -29.69 0.30 0.09
N GLN A 62 -30.34 1.47 0.11
CA GLN A 62 -31.14 1.98 -1.05
C GLN A 62 -30.31 1.87 -2.34
N LYS A 63 -29.09 2.41 -2.36
CA LYS A 63 -28.27 2.53 -3.60
C LYS A 63 -28.15 1.16 -4.27
N PHE A 64 -28.40 0.05 -3.57
CA PHE A 64 -28.15 -1.32 -4.09
C PHE A 64 -29.41 -2.14 -4.24
N LYS A 65 -30.56 -1.71 -3.71
CA LYS A 65 -31.86 -2.37 -3.99
C LYS A 65 -31.93 -2.53 -5.51
N GLY A 66 -32.12 -3.76 -6.00
CA GLY A 66 -32.26 -4.06 -7.44
C GLY A 66 -30.93 -4.26 -8.15
N LYS A 67 -29.80 -4.00 -7.49
CA LYS A 67 -28.46 -4.34 -8.03
C LYS A 67 -28.01 -5.67 -7.41
N ALA A 68 -28.06 -5.77 -6.10
CA ALA A 68 -27.48 -6.90 -5.36
C ALA A 68 -28.58 -7.82 -4.85
N THR A 69 -28.26 -9.09 -4.70
CA THR A 69 -29.21 -10.07 -4.13
C THR A 69 -28.41 -10.95 -3.17
N LEU A 70 -28.71 -10.82 -1.89
CA LEU A 70 -27.97 -11.57 -0.85
C LEU A 70 -28.69 -12.90 -0.62
N THR A 71 -27.95 -13.99 -0.71
CA THR A 71 -28.50 -15.36 -0.58
C THR A 71 -27.65 -16.10 0.43
N VAL A 72 -28.03 -17.33 0.75
CA VAL A 72 -27.27 -18.17 1.72
C VAL A 72 -27.52 -19.65 1.42
N ASP A 73 -26.75 -20.52 2.08
CA ASP A 73 -26.98 -22.00 2.07
C ASP A 73 -26.62 -22.52 3.46
N LYS A 74 -27.62 -22.66 4.33
CA LYS A 74 -27.45 -23.13 5.74
C LYS A 74 -26.69 -24.46 5.70
N SER A 75 -27.13 -25.38 4.83
CA SER A 75 -26.56 -26.74 4.61
C SER A 75 -25.05 -26.66 4.36
N SER A 76 -24.61 -25.73 3.51
CA SER A 76 -23.20 -25.56 3.08
C SER A 76 -22.49 -24.47 3.88
N SER A 77 -23.12 -23.89 4.90
CA SER A 77 -22.53 -22.78 5.72
C SER A 77 -21.78 -21.80 4.80
N THR A 78 -22.50 -21.16 3.88
CA THR A 78 -21.95 -20.26 2.83
C THR A 78 -22.96 -19.16 2.48
N ALA A 79 -22.54 -17.89 2.52
CA ALA A 79 -23.33 -16.72 2.09
C ALA A 79 -23.06 -16.46 0.61
N PHE A 80 -23.87 -15.62 -0.01
CA PHE A 80 -23.81 -15.33 -1.47
C PHE A 80 -24.30 -13.92 -1.76
N MET A 81 -23.68 -13.28 -2.74
CA MET A 81 -24.14 -11.96 -3.23
C MET A 81 -24.16 -11.96 -4.77
N GLU A 82 -25.33 -11.73 -5.38
CA GLU A 82 -25.50 -11.73 -6.85
C GLU A 82 -25.72 -10.28 -7.34
N LEU A 83 -24.71 -9.74 -8.03
CA LEU A 83 -24.78 -8.40 -8.68
C LEU A 83 -25.21 -8.55 -10.14
N ARG A 84 -26.20 -7.78 -10.59
CA ARG A 84 -26.80 -7.87 -11.94
C ARG A 84 -26.53 -6.59 -12.73
N SER A 85 -26.95 -6.60 -14.00
CA SER A 85 -26.88 -5.43 -14.93
C SER A 85 -25.51 -4.78 -14.80
N LEU A 86 -24.46 -5.59 -14.77
CA LEU A 86 -23.10 -5.12 -14.41
C LEU A 86 -22.68 -3.97 -15.31
N THR A 87 -22.21 -2.87 -14.72
CA THR A 87 -21.60 -1.69 -15.41
C THR A 87 -20.23 -1.45 -14.79
N SER A 88 -19.37 -0.67 -15.44
CA SER A 88 -18.03 -0.29 -14.91
C SER A 88 -18.15 0.21 -13.47
N GLU A 89 -19.26 0.90 -13.14
CA GLU A 89 -19.51 1.46 -11.79
C GLU A 89 -19.43 0.36 -10.72
N ASP A 90 -19.42 -0.91 -11.13
CA ASP A 90 -19.48 -2.04 -10.18
C ASP A 90 -18.09 -2.70 -10.08
N THR A 91 -17.06 -2.16 -10.77
CA THR A 91 -15.66 -2.60 -10.57
C THR A 91 -15.24 -2.20 -9.16
N ALA A 92 -14.95 -3.20 -8.32
CA ALA A 92 -14.70 -3.03 -6.87
C ALA A 92 -14.32 -4.38 -6.24
N VAL A 93 -13.57 -4.31 -5.15
CA VAL A 93 -13.42 -5.42 -4.19
C VAL A 93 -14.73 -5.50 -3.40
N TYR A 94 -15.28 -6.70 -3.28
CA TYR A 94 -16.50 -6.99 -2.51
C TYR A 94 -16.11 -7.84 -1.31
N PHE A 95 -16.57 -7.44 -0.11
CA PHE A 95 -16.25 -8.11 1.19
C PHE A 95 -17.52 -8.66 1.85
N CYS A 96 -17.48 -9.94 2.25
CA CYS A 96 -18.42 -10.50 3.25
C CYS A 96 -17.77 -10.32 4.62
N ALA A 97 -18.58 -10.16 5.66
CA ALA A 97 -18.11 -9.97 7.03
C ALA A 97 -19.18 -10.46 8.00
N ARG A 98 -18.76 -11.01 9.13
CA ARG A 98 -19.62 -11.51 10.23
C ARG A 98 -20.09 -10.30 11.06
N ASN A 99 -21.39 -10.21 11.37
CA ASN A 99 -21.98 -9.09 12.15
C ASN A 99 -22.04 -9.48 13.61
N TYR A 100 -21.47 -8.65 14.48
CA TYR A 100 -21.46 -8.83 15.96
C TYR A 100 -22.89 -8.65 16.47
N ARG A 101 -23.70 -7.86 15.78
CA ARG A 101 -25.17 -7.71 16.02
C ARG A 101 -25.45 -6.80 17.21
N TRP A 102 -24.79 -6.97 18.36
CA TRP A 102 -25.06 -6.12 19.54
C TRP A 102 -24.71 -4.66 19.18
N PHE A 103 -23.60 -4.46 18.47
CA PHE A 103 -23.18 -3.12 18.02
C PHE A 103 -23.20 -3.08 16.50
N GLY A 104 -23.74 -4.12 15.86
CA GLY A 104 -23.79 -4.22 14.40
C GLY A 104 -22.41 -3.99 13.82
N ALA A 105 -21.40 -4.63 14.38
CA ALA A 105 -20.00 -4.43 13.97
C ALA A 105 -19.54 -5.59 13.07
N MET A 106 -19.03 -5.28 11.88
CA MET A 106 -18.40 -6.33 11.05
C MET A 106 -17.15 -6.81 11.79
N ASP A 107 -17.21 -7.98 12.45
CA ASP A 107 -16.15 -8.41 13.42
C ASP A 107 -15.05 -9.21 12.70
N HIS A 108 -15.38 -10.14 11.79
CA HIS A 108 -14.39 -10.87 10.94
CA HIS A 108 -14.40 -10.87 10.94
C HIS A 108 -14.77 -10.68 9.46
N TRP A 109 -13.79 -10.29 8.65
CA TRP A 109 -13.99 -9.96 7.22
C TRP A 109 -13.40 -11.06 6.33
N GLY A 110 -14.00 -11.23 5.15
CA GLY A 110 -13.48 -12.07 4.06
C GLY A 110 -12.32 -11.36 3.39
N GLN A 111 -11.37 -12.11 2.81
CA GLN A 111 -10.23 -11.56 2.05
C GLN A 111 -10.72 -10.51 1.03
N GLY A 112 -11.95 -10.67 0.52
CA GLY A 112 -12.55 -9.81 -0.51
C GLY A 112 -12.36 -10.38 -1.90
N THR A 113 -13.38 -10.26 -2.75
CA THR A 113 -13.35 -10.72 -4.17
C THR A 113 -13.27 -9.46 -5.03
N SER A 114 -12.15 -9.24 -5.72
CA SER A 114 -12.01 -8.09 -6.64
C SER A 114 -12.77 -8.40 -7.93
N VAL A 115 -13.85 -7.68 -8.22
CA VAL A 115 -14.65 -7.89 -9.45
C VAL A 115 -14.32 -6.75 -10.43
N THR A 116 -13.89 -7.09 -11.64
CA THR A 116 -13.69 -6.14 -12.75
C THR A 116 -14.75 -6.41 -13.81
N VAL A 117 -15.54 -5.39 -14.15
CA VAL A 117 -16.60 -5.48 -15.19
C VAL A 117 -16.16 -4.63 -16.38
N SER A 118 -15.52 -5.29 -17.35
CA SER A 118 -15.25 -4.74 -18.70
C SER A 118 -15.38 -5.86 -19.73
N SER A 119 -15.39 -5.47 -20.99
CA SER A 119 -15.50 -6.34 -22.20
C SER A 119 -14.11 -6.88 -22.56
N THR A 120 -13.96 -8.19 -22.73
CA THR A 120 -12.67 -8.78 -23.16
C THR A 120 -12.60 -8.56 -24.68
N LYS A 121 -11.46 -8.05 -25.19
CA LYS A 121 -11.28 -7.74 -26.63
C LYS A 121 -10.02 -8.43 -27.18
N GLY A 122 -10.19 -9.21 -28.25
CA GLY A 122 -9.10 -9.71 -29.13
C GLY A 122 -8.33 -8.55 -29.77
N PRO A 123 -7.04 -8.75 -30.11
CA PRO A 123 -6.22 -7.71 -30.74
C PRO A 123 -6.45 -7.47 -32.24
N SER A 124 -6.38 -6.21 -32.69
CA SER A 124 -6.07 -5.88 -34.10
C SER A 124 -4.58 -6.21 -34.30
N VAL A 125 -4.20 -6.74 -35.46
CA VAL A 125 -2.81 -7.22 -35.70
C VAL A 125 -2.33 -6.62 -37.02
N PHE A 126 -1.55 -5.54 -36.93
CA PHE A 126 -1.00 -4.82 -38.10
C PHE A 126 0.43 -5.30 -38.29
N PRO A 127 0.90 -5.44 -39.54
CA PRO A 127 2.24 -5.95 -39.82
C PRO A 127 3.30 -4.84 -39.81
N LEU A 128 4.53 -5.21 -39.47
CA LEU A 128 5.70 -4.30 -39.53
C LEU A 128 6.60 -4.82 -40.63
N ALA A 129 6.35 -4.35 -41.85
CA ALA A 129 7.08 -4.77 -43.06
C ALA A 129 8.45 -4.10 -43.08
N PRO A 130 9.50 -4.82 -43.51
CA PRO A 130 10.83 -4.23 -43.68
C PRO A 130 11.03 -3.60 -45.08
N SER A 131 11.99 -2.67 -45.20
CA SER A 131 12.44 -2.05 -46.47
C SER A 131 13.91 -1.61 -46.35
N SER A 132 14.83 -2.31 -47.06
CA SER A 132 16.29 -2.08 -47.04
C SER A 132 16.74 -1.49 -48.38
N THR A 139 20.97 -8.10 -43.00
CA THR A 139 19.80 -8.60 -42.22
C THR A 139 18.76 -7.49 -42.01
N ALA A 140 17.49 -7.87 -42.08
CA ALA A 140 16.31 -6.99 -41.87
C ALA A 140 15.43 -7.55 -40.74
N ALA A 141 14.67 -6.66 -40.11
CA ALA A 141 13.73 -6.97 -39.01
C ALA A 141 12.31 -6.74 -39.52
N LEU A 142 11.41 -7.62 -39.14
CA LEU A 142 9.95 -7.49 -39.41
C LEU A 142 9.21 -7.98 -38.18
N GLY A 143 7.92 -7.70 -38.15
CA GLY A 143 7.10 -7.96 -36.96
C GLY A 143 5.65 -7.71 -37.25
N CYS A 144 4.83 -7.95 -36.26
CA CYS A 144 3.45 -7.47 -36.22
C CYS A 144 3.24 -6.78 -34.87
N LEU A 145 2.40 -5.76 -34.90
CA LEU A 145 2.03 -4.97 -33.72
C LEU A 145 0.65 -5.43 -33.31
N VAL A 146 0.54 -6.17 -32.21
CA VAL A 146 -0.74 -6.48 -31.54
C VAL A 146 -1.25 -5.20 -30.88
N LYS A 147 -2.53 -4.88 -31.04
CA LYS A 147 -2.99 -3.57 -30.55
C LYS A 147 -4.42 -3.70 -30.00
N ASP A 148 -4.69 -3.02 -28.91
CA ASP A 148 -6.06 -2.89 -28.33
C ASP A 148 -6.56 -4.28 -27.92
N TYR A 149 -5.99 -4.86 -26.87
CA TYR A 149 -6.47 -6.15 -26.35
C TYR A 149 -6.75 -6.07 -24.85
N PHE A 150 -7.69 -6.89 -24.40
CA PHE A 150 -8.04 -6.99 -22.97
C PHE A 150 -8.59 -8.37 -22.69
N PRO A 151 -8.19 -9.01 -21.56
CA PRO A 151 -7.04 -8.59 -20.75
C PRO A 151 -5.75 -9.30 -21.20
N GLU A 152 -4.72 -9.30 -20.35
CA GLU A 152 -3.53 -10.18 -20.55
C GLU A 152 -3.94 -11.61 -20.28
N PRO A 153 -3.25 -12.62 -20.86
CA PRO A 153 -2.19 -12.40 -21.86
C PRO A 153 -2.54 -12.68 -23.33
N VAL A 154 -1.67 -12.20 -24.23
CA VAL A 154 -1.59 -12.65 -25.65
C VAL A 154 -0.27 -13.38 -25.82
N THR A 155 -0.26 -14.50 -26.56
CA THR A 155 0.99 -15.22 -26.95
C THR A 155 1.16 -15.09 -28.47
N VAL A 156 2.39 -14.89 -28.93
CA VAL A 156 2.68 -14.69 -30.38
C VAL A 156 3.73 -15.71 -30.84
N SER A 157 3.35 -16.55 -31.79
CA SER A 157 4.26 -17.43 -32.57
C SER A 157 4.52 -16.79 -33.92
N TRP A 158 5.51 -17.30 -34.65
CA TRP A 158 5.87 -16.88 -36.03
C TRP A 158 5.89 -18.10 -36.95
N ASN A 159 5.29 -17.99 -38.14
CA ASN A 159 5.20 -19.12 -39.12
C ASN A 159 4.76 -20.39 -38.39
N SER A 160 3.74 -20.25 -37.55
CA SER A 160 3.07 -21.38 -36.84
C SER A 160 4.06 -22.02 -35.86
N GLY A 161 4.96 -21.22 -35.27
CA GLY A 161 5.97 -21.67 -34.31
C GLY A 161 7.19 -22.29 -34.98
N ALA A 162 7.19 -22.43 -36.31
CA ALA A 162 8.33 -22.97 -37.08
C ALA A 162 9.56 -22.08 -36.88
N LEU A 163 9.37 -20.76 -36.96
CA LEU A 163 10.43 -19.73 -36.77
C LEU A 163 10.45 -19.28 -35.30
N THR A 164 11.64 -19.26 -34.68
CA THR A 164 11.81 -18.97 -33.23
C THR A 164 13.06 -18.10 -32.95
N SER A 165 14.08 -18.13 -33.80
CA SER A 165 15.32 -17.32 -33.61
C SER A 165 15.11 -15.91 -34.19
N GLY A 166 15.68 -14.90 -33.53
CA GLY A 166 15.54 -13.48 -33.89
C GLY A 166 14.31 -12.83 -33.29
N VAL A 167 13.39 -13.64 -32.74
CA VAL A 167 12.01 -13.24 -32.31
C VAL A 167 12.05 -12.57 -30.94
N HIS A 168 11.61 -11.32 -30.86
CA HIS A 168 11.47 -10.55 -29.60
C HIS A 168 9.99 -10.16 -29.43
N THR A 169 9.18 -11.06 -28.86
CA THR A 169 7.83 -10.73 -28.35
C THR A 169 8.00 -9.89 -27.08
N PHE A 170 7.74 -8.59 -27.15
CA PHE A 170 7.96 -7.58 -26.08
C PHE A 170 6.90 -7.69 -24.98
N PRO A 171 7.18 -7.23 -23.74
CA PRO A 171 6.13 -7.09 -22.72
C PRO A 171 5.02 -6.12 -23.13
N ALA A 172 3.84 -6.36 -22.58
CA ALA A 172 2.60 -5.62 -22.88
C ALA A 172 2.68 -4.20 -22.31
N VAL A 173 1.99 -3.25 -22.94
CA VAL A 173 1.97 -1.82 -22.52
C VAL A 173 0.51 -1.37 -22.47
N LEU A 174 0.04 -0.99 -21.29
CA LEU A 174 -1.32 -0.41 -21.07
C LEU A 174 -1.36 1.00 -21.67
N GLN A 175 -2.34 1.30 -22.52
CA GLN A 175 -2.52 2.65 -23.10
C GLN A 175 -3.64 3.34 -22.32
N SER A 176 -3.78 4.67 -22.49
CA SER A 176 -4.87 5.49 -21.88
C SER A 176 -6.21 4.77 -22.02
N SER A 177 -6.50 4.26 -23.22
CA SER A 177 -7.76 3.56 -23.60
C SER A 177 -8.11 2.47 -22.57
N GLY A 178 -7.14 2.02 -21.78
CA GLY A 178 -7.31 0.92 -20.81
C GLY A 178 -7.13 -0.42 -21.48
N LEU A 179 -6.67 -0.38 -22.74
CA LEU A 179 -6.36 -1.59 -23.56
C LEU A 179 -4.85 -1.80 -23.64
N TYR A 180 -4.43 -3.05 -23.73
CA TYR A 180 -3.00 -3.44 -23.85
C TYR A 180 -2.59 -3.41 -25.32
N SER A 181 -1.28 -3.41 -25.56
CA SER A 181 -0.66 -3.42 -26.91
C SER A 181 0.81 -3.84 -26.79
N LEU A 182 1.18 -4.97 -27.39
CA LEU A 182 2.59 -5.38 -27.54
C LEU A 182 2.95 -5.44 -29.01
N SER A 183 4.24 -5.60 -29.29
CA SER A 183 4.78 -5.82 -30.64
C SER A 183 5.67 -7.07 -30.59
N SER A 184 5.58 -7.95 -31.58
CA SER A 184 6.51 -9.08 -31.74
C SER A 184 7.34 -8.83 -32.98
N VAL A 185 8.66 -8.82 -32.86
CA VAL A 185 9.58 -8.55 -34.00
C VAL A 185 10.55 -9.71 -34.14
N VAL A 186 11.05 -9.89 -35.37
CA VAL A 186 12.02 -10.96 -35.70
C VAL A 186 12.98 -10.42 -36.77
N THR A 187 14.28 -10.57 -36.54
CA THR A 187 15.37 -10.31 -37.52
C THR A 187 15.55 -11.57 -38.37
N VAL A 188 15.72 -11.40 -39.69
CA VAL A 188 15.85 -12.50 -40.68
C VAL A 188 16.78 -12.06 -41.81
N PRO A 189 17.49 -13.00 -42.48
CA PRO A 189 18.27 -12.68 -43.68
C PRO A 189 17.47 -11.89 -44.73
N SER A 190 18.02 -10.81 -45.26
CA SER A 190 17.33 -9.89 -46.22
C SER A 190 17.12 -10.58 -47.57
N SER A 191 17.86 -11.68 -47.84
CA SER A 191 17.73 -12.52 -49.07
C SER A 191 16.41 -13.30 -49.04
N SER A 192 16.06 -13.92 -47.90
CA SER A 192 14.87 -14.80 -47.73
C SER A 192 13.56 -14.00 -47.83
N LEU A 193 13.62 -12.66 -47.85
CA LEU A 193 12.43 -11.78 -48.06
C LEU A 193 11.72 -12.13 -49.38
N GLY A 194 12.48 -12.48 -50.42
CA GLY A 194 11.97 -12.75 -51.77
C GLY A 194 11.33 -14.13 -51.89
N THR A 195 11.57 -15.02 -50.92
CA THR A 195 11.06 -16.42 -50.95
C THR A 195 10.19 -16.67 -49.71
N GLN A 196 10.83 -16.89 -48.55
CA GLN A 196 10.19 -17.33 -47.28
C GLN A 196 9.03 -16.39 -46.94
N THR A 197 7.85 -16.95 -46.62
CA THR A 197 6.66 -16.19 -46.18
C THR A 197 6.70 -16.09 -44.66
N TYR A 198 6.33 -14.92 -44.12
CA TYR A 198 6.42 -14.59 -42.68
C TYR A 198 5.00 -14.30 -42.17
N ILE A 199 4.42 -15.26 -41.47
CA ILE A 199 3.05 -15.15 -40.89
C ILE A 199 3.19 -15.25 -39.37
N CYS A 200 2.88 -14.17 -38.65
CA CYS A 200 2.87 -14.19 -37.17
C CYS A 200 1.48 -14.60 -36.70
N ASN A 201 1.46 -15.47 -35.70
CA ASN A 201 0.21 -16.08 -35.17
C ASN A 201 -0.02 -15.52 -33.77
N VAL A 202 -1.24 -15.07 -33.50
CA VAL A 202 -1.56 -14.27 -32.28
C VAL A 202 -2.68 -14.98 -31.52
N ASN A 203 -2.30 -15.69 -30.47
CA ASN A 203 -3.26 -16.38 -29.57
C ASN A 203 -3.70 -15.40 -28.46
N HIS A 204 -4.95 -15.48 -28.04
CA HIS A 204 -5.56 -14.66 -26.95
C HIS A 204 -6.66 -15.48 -26.27
N LYS A 205 -6.27 -16.47 -25.45
CA LYS A 205 -7.19 -17.48 -24.85
C LYS A 205 -8.41 -16.76 -24.26
N PRO A 206 -8.27 -15.54 -23.69
CA PRO A 206 -9.42 -14.78 -23.17
C PRO A 206 -10.61 -14.59 -24.12
N SER A 207 -10.37 -14.39 -25.42
CA SER A 207 -11.42 -14.20 -26.47
C SER A 207 -11.44 -15.39 -27.45
N ASN A 208 -10.81 -16.51 -27.10
CA ASN A 208 -10.73 -17.70 -27.96
C ASN A 208 -10.28 -17.26 -29.36
N THR A 209 -9.43 -16.24 -29.43
CA THR A 209 -8.96 -15.65 -30.70
C THR A 209 -7.65 -16.32 -31.11
N LYS A 210 -7.46 -16.55 -32.42
CA LYS A 210 -6.14 -16.87 -33.04
C LYS A 210 -6.07 -16.13 -34.38
N VAL A 211 -5.20 -15.14 -34.48
CA VAL A 211 -5.10 -14.25 -35.68
C VAL A 211 -3.74 -14.47 -36.35
N ASP A 212 -3.76 -14.85 -37.62
CA ASP A 212 -2.56 -15.02 -38.48
C ASP A 212 -2.43 -13.74 -39.34
N LYS A 213 -1.20 -13.25 -39.56
CA LYS A 213 -0.96 -12.07 -40.45
C LYS A 213 0.39 -12.24 -41.17
N ARG A 214 0.34 -12.48 -42.49
CA ARG A 214 1.48 -12.41 -43.44
C ARG A 214 2.09 -11.00 -43.36
N VAL A 215 3.41 -10.91 -43.33
CA VAL A 215 4.17 -9.63 -43.39
C VAL A 215 4.96 -9.65 -44.69
N GLU A 216 4.75 -8.65 -45.56
CA GLU A 216 5.23 -8.64 -46.96
C GLU A 216 5.68 -7.22 -47.31
N PRO A 217 6.90 -7.04 -47.86
CA PRO A 217 7.47 -5.70 -48.07
C PRO A 217 6.58 -4.75 -48.90
N LYS A 218 6.62 -3.45 -48.59
CA LYS A 218 5.72 -2.40 -49.16
C LYS A 218 6.05 -2.19 -50.65
N SER A 219 5.03 -2.20 -51.52
CA SER A 219 5.15 -2.08 -53.00
C SER A 219 5.90 -0.79 -53.37
N ASP B 1 -30.12 7.99 6.54
CA ASP B 1 -28.75 8.24 5.98
C ASP B 1 -27.99 9.16 6.94
N ILE B 2 -27.41 8.58 8.00
CA ILE B 2 -26.48 9.23 8.96
C ILE B 2 -25.13 9.43 8.25
N VAL B 3 -24.67 10.66 8.20
CA VAL B 3 -23.35 11.02 7.62
C VAL B 3 -22.35 11.10 8.77
N LEU B 4 -21.34 10.24 8.74
CA LEU B 4 -20.20 10.32 9.67
C LEU B 4 -19.07 11.02 8.93
N THR B 5 -18.51 12.08 9.51
CA THR B 5 -17.42 12.90 8.91
C THR B 5 -16.18 12.75 9.78
N GLN B 6 -15.21 12.00 9.27
CA GLN B 6 -13.93 11.77 9.96
C GLN B 6 -13.08 13.02 9.85
N SER B 7 -12.29 13.29 10.88
CA SER B 7 -11.40 14.47 10.97
C SER B 7 -10.20 14.07 11.81
N PRO B 8 -8.97 14.15 11.28
CA PRO B 8 -8.70 14.72 9.96
C PRO B 8 -8.90 13.72 8.81
N ALA B 9 -8.55 14.11 7.59
CA ALA B 9 -8.63 13.24 6.39
C ALA B 9 -7.35 12.42 6.31
N SER B 10 -6.22 13.04 6.62
CA SER B 10 -4.89 12.36 6.60
C SER B 10 -4.03 12.97 7.71
N LEU B 11 -3.41 12.12 8.52
CA LEU B 11 -2.38 12.58 9.47
C LEU B 11 -1.13 11.73 9.27
N ALA B 12 0.02 12.38 9.43
CA ALA B 12 1.35 11.74 9.46
C ALA B 12 1.86 11.83 10.89
N VAL B 13 2.29 10.72 11.45
CA VAL B 13 2.71 10.62 12.86
C VAL B 13 3.99 9.77 12.94
N SER B 14 4.83 10.02 13.94
CA SER B 14 6.03 9.20 14.22
C SER B 14 5.65 8.09 15.20
N PRO B 15 6.18 6.87 15.09
CA PRO B 15 6.02 5.90 16.17
C PRO B 15 6.53 6.50 17.49
N GLY B 16 5.76 6.35 18.57
CA GLY B 16 6.06 6.92 19.89
C GLY B 16 5.10 8.05 20.20
N GLN B 17 4.55 8.64 19.15
CA GLN B 17 3.57 9.75 19.25
C GLN B 17 2.19 9.20 19.61
N ARG B 18 1.38 9.98 20.30
CA ARG B 18 -0.08 9.73 20.46
C ARG B 18 -0.82 10.43 19.31
N ALA B 19 -1.68 9.68 18.65
CA ALA B 19 -2.55 10.18 17.55
C ALA B 19 -4.00 9.91 17.94
N THR B 20 -4.87 10.81 17.52
CA THR B 20 -6.33 10.72 17.74
C THR B 20 -7.07 11.04 16.45
N ILE B 21 -8.05 10.21 16.10
CA ILE B 21 -9.00 10.41 14.95
C ILE B 21 -10.38 10.74 15.51
N SER B 22 -11.21 11.40 14.72
CA SER B 22 -12.54 11.86 15.19
C SER B 22 -13.60 11.61 14.12
N CYS B 23 -14.72 11.06 14.56
CA CYS B 23 -15.95 10.84 13.77
C CYS B 23 -17.01 11.80 14.31
N LYS B 24 -17.38 12.82 13.56
CA LYS B 24 -18.58 13.63 13.88
C LYS B 24 -19.78 12.94 13.21
N ALA B 25 -20.93 12.83 13.88
CA ALA B 25 -22.17 12.29 13.30
C ALA B 25 -23.28 13.35 13.21
N SER B 26 -23.90 13.44 12.02
CA SER B 26 -25.05 14.31 11.66
C SER B 26 -26.15 14.24 12.73
N GLN B 27 -26.33 13.10 13.41
CA GLN B 27 -27.31 12.95 14.51
C GLN B 27 -26.74 12.04 15.60
N SER B 28 -27.35 12.04 16.79
CA SER B 28 -26.92 11.23 17.96
C SER B 28 -26.96 9.72 17.64
N LEU B 29 -25.99 8.99 18.16
CA LEU B 29 -25.80 7.52 17.98
C LEU B 29 -26.22 6.80 19.27
N ASP B 30 -26.67 7.56 20.26
CA ASP B 30 -27.01 7.07 21.62
C ASP B 30 -28.37 6.41 21.55
N TYR B 31 -28.43 5.12 21.83
CA TYR B 31 -29.71 4.35 21.88
C TYR B 31 -29.60 3.27 22.96
N GLU B 32 -30.53 3.29 23.92
CA GLU B 32 -30.63 2.27 25.00
C GLU B 32 -29.31 2.19 25.78
N GLY B 33 -28.65 3.32 26.00
CA GLY B 33 -27.54 3.45 26.97
C GLY B 33 -26.16 3.26 26.36
N ASP B 34 -26.07 2.68 25.16
CA ASP B 34 -24.79 2.57 24.41
C ASP B 34 -24.90 3.38 23.10
N SER B 35 -23.76 3.63 22.44
CA SER B 35 -23.62 4.31 21.12
C SER B 35 -23.05 3.30 20.11
N ASP B 36 -23.66 3.12 18.93
CA ASP B 36 -23.37 1.95 18.06
C ASP B 36 -22.31 2.35 17.04
N MET B 37 -21.18 2.83 17.55
CA MET B 37 -20.06 3.42 16.79
C MET B 37 -18.90 2.41 16.71
N ASN B 38 -18.44 2.05 15.52
CA ASN B 38 -17.38 1.02 15.38
C ASN B 38 -16.27 1.55 14.46
N TRP B 39 -15.05 1.19 14.75
CA TRP B 39 -13.84 1.67 14.04
C TRP B 39 -13.11 0.49 13.43
N TYR B 40 -12.64 0.66 12.21
CA TYR B 40 -11.92 -0.35 11.43
C TYR B 40 -10.58 0.20 10.96
N GLN B 41 -9.55 -0.60 11.16
CA GLN B 41 -8.22 -0.38 10.55
C GLN B 41 -8.19 -1.17 9.24
N GLN B 42 -7.91 -0.55 8.11
CA GLN B 42 -7.61 -1.31 6.89
C GLN B 42 -6.17 -1.03 6.43
N LYS B 43 -5.29 -2.02 6.56
CA LYS B 43 -3.91 -1.98 6.04
C LYS B 43 -3.95 -2.19 4.54
N PRO B 44 -3.03 -1.58 3.76
CA PRO B 44 -3.09 -1.68 2.30
C PRO B 44 -3.10 -3.14 1.82
N GLY B 45 -4.01 -3.43 0.89
CA GLY B 45 -4.18 -4.75 0.25
C GLY B 45 -4.70 -5.82 1.21
N GLN B 46 -5.19 -5.43 2.38
CA GLN B 46 -5.79 -6.37 3.37
C GLN B 46 -7.23 -5.97 3.60
N PRO B 47 -8.13 -6.89 4.03
CA PRO B 47 -9.48 -6.51 4.42
C PRO B 47 -9.45 -5.66 5.68
N PRO B 48 -10.50 -4.87 5.98
CA PRO B 48 -10.57 -4.16 7.25
C PRO B 48 -10.57 -5.11 8.45
N ARG B 49 -10.03 -4.62 9.56
CA ARG B 49 -10.06 -5.27 10.90
C ARG B 49 -10.81 -4.34 11.84
N LEU B 50 -11.77 -4.88 12.57
CA LEU B 50 -12.50 -4.12 13.62
C LEU B 50 -11.57 -3.94 14.83
N LEU B 51 -11.48 -2.72 15.38
CA LEU B 51 -10.66 -2.43 16.59
C LEU B 51 -11.57 -2.16 17.78
N ILE B 52 -12.62 -1.36 17.55
CA ILE B 52 -13.44 -0.77 18.62
C ILE B 52 -14.90 -0.87 18.19
N SER B 53 -15.71 -1.58 18.96
CA SER B 53 -17.17 -1.73 18.72
C SER B 53 -17.91 -1.13 19.90
N GLY B 54 -18.69 -0.07 19.68
CA GLY B 54 -19.50 0.58 20.73
C GLY B 54 -18.73 1.72 21.37
N ALA B 55 -17.82 2.35 20.63
CA ALA B 55 -17.13 3.61 21.00
C ALA B 55 -16.38 3.46 22.32
N SER B 56 -15.87 2.27 22.62
CA SER B 56 -15.19 2.01 23.91
C SER B 56 -14.60 0.60 23.89
N ASN B 57 -15.39 -0.39 23.47
CA ASN B 57 -15.05 -1.83 23.71
C ASN B 57 -13.98 -2.29 22.70
N LEU B 58 -12.79 -2.59 23.21
CA LEU B 58 -11.64 -3.02 22.39
C LEU B 58 -11.96 -4.43 21.90
N GLU B 59 -11.60 -4.72 20.67
CA GLU B 59 -11.82 -6.08 20.13
C GLU B 59 -10.66 -6.95 20.60
N SER B 60 -10.93 -8.24 20.81
CA SER B 60 -9.91 -9.22 21.27
C SER B 60 -8.71 -9.16 20.32
N GLY B 61 -7.50 -9.14 20.88
CA GLY B 61 -6.25 -9.23 20.10
C GLY B 61 -5.88 -7.89 19.50
N ILE B 62 -6.56 -6.82 19.89
CA ILE B 62 -6.19 -5.43 19.51
C ILE B 62 -5.42 -4.83 20.68
N PRO B 63 -4.16 -4.36 20.48
CA PRO B 63 -3.40 -3.71 21.55
C PRO B 63 -4.12 -2.55 22.29
N ALA B 64 -3.82 -2.42 23.59
CA ALA B 64 -4.35 -1.37 24.49
C ALA B 64 -3.94 0.03 23.99
N ARG B 65 -2.91 0.11 23.16
CA ARG B 65 -2.49 1.38 22.52
C ARG B 65 -3.71 2.02 21.84
N PHE B 66 -4.64 1.21 21.35
CA PHE B 66 -5.90 1.68 20.74
C PHE B 66 -6.94 1.84 21.84
N SER B 67 -7.68 2.93 21.84
CA SER B 67 -8.69 3.20 22.89
C SER B 67 -9.97 3.70 22.22
N GLY B 68 -11.09 3.60 22.93
CA GLY B 68 -12.40 4.08 22.47
C GLY B 68 -12.68 5.46 23.00
N SER B 69 -13.94 5.83 23.19
CA SER B 69 -14.28 7.24 23.55
C SER B 69 -15.74 7.42 23.96
N GLY B 70 -16.49 8.19 23.18
CA GLY B 70 -17.60 9.01 23.73
C GLY B 70 -18.96 8.61 23.22
N SER B 71 -19.83 9.59 23.07
CA SER B 71 -21.27 9.35 22.78
C SER B 71 -21.87 10.58 22.13
N GLY B 72 -23.15 10.48 21.77
CA GLY B 72 -23.89 11.53 21.06
C GLY B 72 -23.41 11.62 19.63
N THR B 73 -22.67 12.68 19.30
CA THR B 73 -22.22 12.97 17.92
C THR B 73 -20.70 12.97 17.86
N ASP B 74 -20.03 12.86 19.01
CA ASP B 74 -18.57 13.05 19.09
C ASP B 74 -17.93 11.73 19.53
N PHE B 75 -17.14 11.11 18.64
CA PHE B 75 -16.40 9.83 18.87
C PHE B 75 -14.92 10.04 18.53
N THR B 76 -14.03 9.29 19.18
CA THR B 76 -12.56 9.47 19.06
C THR B 76 -11.84 8.15 19.34
N VAL B 77 -11.14 7.64 18.35
CA VAL B 77 -10.16 6.52 18.53
C VAL B 77 -8.78 7.14 18.75
N ASN B 78 -8.03 6.61 19.71
CA ASN B 78 -6.72 7.12 20.15
C ASN B 78 -5.70 6.00 20.02
N ILE B 79 -4.54 6.32 19.47
CA ILE B 79 -3.40 5.38 19.38
C ILE B 79 -2.33 5.97 20.29
N HIS B 80 -2.00 5.28 21.38
CA HIS B 80 -1.04 5.73 22.40
C HIS B 80 -0.26 4.54 22.94
N PRO B 81 0.97 4.30 22.46
CA PRO B 81 1.59 5.11 21.41
C PRO B 81 1.26 4.58 20.00
N VAL B 82 1.73 5.30 18.99
CA VAL B 82 1.70 4.84 17.57
C VAL B 82 2.92 3.95 17.34
N GLU B 83 2.75 2.89 16.54
CA GLU B 83 3.85 1.98 16.11
C GLU B 83 3.88 1.94 14.59
N GLU B 84 4.97 1.44 13.97
CA GLU B 84 5.17 1.47 12.49
C GLU B 84 4.06 0.62 11.87
N GLU B 85 3.65 -0.44 12.55
CA GLU B 85 2.58 -1.38 12.10
C GLU B 85 1.21 -0.69 12.00
N ASP B 86 1.10 0.61 12.31
CA ASP B 86 -0.22 1.29 12.45
C ASP B 86 -0.58 2.03 11.16
N ALA B 87 0.29 2.00 10.15
CA ALA B 87 0.08 2.71 8.88
C ALA B 87 -1.11 2.04 8.20
N ALA B 88 -2.24 2.74 8.11
CA ALA B 88 -3.50 2.17 7.57
C ALA B 88 -4.53 3.28 7.45
N THR B 89 -5.65 2.98 6.80
CA THR B 89 -6.79 3.91 6.74
C THR B 89 -7.79 3.51 7.81
N TYR B 90 -8.13 4.45 8.67
CA TYR B 90 -9.04 4.18 9.80
C TYR B 90 -10.41 4.66 9.38
N TYR B 91 -11.39 3.78 9.49
CA TYR B 91 -12.80 4.03 9.11
C TYR B 91 -13.65 3.96 10.35
N CYS B 92 -14.59 4.90 10.46
CA CYS B 92 -15.59 4.98 11.54
C CYS B 92 -16.88 4.47 10.89
N GLN B 93 -17.79 3.87 11.64
CA GLN B 93 -19.03 3.25 11.08
C GLN B 93 -20.13 3.22 12.15
N GLN B 94 -21.38 3.53 11.77
CA GLN B 94 -22.54 3.48 12.69
C GLN B 94 -23.46 2.30 12.34
N SER B 95 -24.21 1.83 13.33
CA SER B 95 -25.24 0.76 13.17
C SER B 95 -26.48 1.16 13.98
N THR B 96 -26.57 2.45 14.31
CA THR B 96 -27.72 3.06 15.02
C THR B 96 -28.94 2.92 14.12
N GLU B 97 -28.80 3.35 12.87
CA GLU B 97 -29.88 3.36 11.86
C GLU B 97 -29.41 2.68 10.59
N ASP B 98 -30.29 1.89 9.98
CA ASP B 98 -30.13 1.38 8.59
C ASP B 98 -30.40 2.57 7.66
N PRO B 99 -29.49 2.88 6.72
CA PRO B 99 -28.37 2.00 6.36
C PRO B 99 -27.11 2.19 7.23
N ARG B 100 -26.49 1.08 7.61
CA ARG B 100 -25.13 1.08 8.21
C ARG B 100 -24.26 1.93 7.29
N THR B 101 -23.63 2.96 7.83
CA THR B 101 -22.82 3.91 7.04
C THR B 101 -21.43 3.92 7.64
N PHE B 102 -20.46 4.21 6.79
CA PHE B 102 -19.03 4.38 7.13
C PHE B 102 -18.67 5.85 6.97
N GLY B 103 -17.79 6.32 7.84
CA GLY B 103 -17.04 7.56 7.62
C GLY B 103 -16.17 7.44 6.39
N GLY B 104 -15.72 8.59 5.89
CA GLY B 104 -14.88 8.75 4.67
C GLY B 104 -13.50 8.11 4.80
N GLY B 105 -13.09 7.65 5.98
CA GLY B 105 -11.74 7.09 6.21
C GLY B 105 -10.69 8.16 6.53
N THR B 106 -9.69 7.83 7.36
CA THR B 106 -8.54 8.70 7.68
C THR B 106 -7.24 7.99 7.36
N LYS B 107 -6.44 8.56 6.45
CA LYS B 107 -5.18 7.93 6.00
C LYS B 107 -4.13 8.26 7.05
N LEU B 108 -3.57 7.23 7.69
CA LEU B 108 -2.52 7.40 8.73
C LEU B 108 -1.18 6.97 8.12
N GLU B 109 -0.31 7.95 7.91
CA GLU B 109 1.05 7.77 7.33
C GLU B 109 2.04 7.78 8.50
N ILE B 110 2.79 6.70 8.66
CA ILE B 110 3.92 6.62 9.62
C ILE B 110 5.09 7.42 9.04
N LYS B 111 5.51 8.50 9.71
CA LYS B 111 6.64 9.39 9.31
C LYS B 111 7.96 8.62 9.40
N ARG B 112 8.85 8.82 8.43
CA ARG B 112 10.20 8.23 8.45
C ARG B 112 10.85 8.66 9.77
N THR B 113 11.38 7.71 10.56
CA THR B 113 12.09 7.98 11.83
C THR B 113 13.36 8.79 11.51
N VAL B 114 13.51 9.93 12.18
CA VAL B 114 14.68 10.83 12.03
C VAL B 114 15.31 10.97 13.41
N ALA B 115 16.58 10.60 13.55
CA ALA B 115 17.36 10.72 14.80
C ALA B 115 18.51 11.71 14.58
N ALA B 116 18.47 12.84 15.25
CA ALA B 116 19.56 13.84 15.23
C ALA B 116 20.75 13.21 15.93
N PRO B 117 21.98 13.54 15.49
CA PRO B 117 23.17 13.06 16.18
C PRO B 117 23.41 13.85 17.47
N SER B 118 23.63 13.16 18.57
CA SER B 118 24.26 13.74 19.77
C SER B 118 25.73 14.01 19.42
N VAL B 119 26.12 15.27 19.32
CA VAL B 119 27.50 15.64 18.93
C VAL B 119 28.33 15.97 20.18
N PHE B 120 29.50 15.36 20.27
CA PHE B 120 30.45 15.52 21.41
C PHE B 120 31.86 15.74 20.86
N ILE B 121 32.56 16.78 21.32
CA ILE B 121 33.99 17.01 20.96
C ILE B 121 34.86 16.56 22.13
N PHE B 122 36.08 16.10 21.85
CA PHE B 122 37.04 15.62 22.87
C PHE B 122 38.44 16.12 22.57
N PRO B 123 39.08 16.86 23.51
CA PRO B 123 40.45 17.31 23.32
C PRO B 123 41.45 16.18 23.58
N PRO B 124 42.67 16.27 23.01
CA PRO B 124 43.73 15.31 23.31
C PRO B 124 44.07 15.27 24.80
N SER B 125 44.38 14.08 25.31
CA SER B 125 44.75 13.85 26.73
C SER B 125 46.18 14.37 26.95
N ASP B 126 46.46 14.88 28.14
CA ASP B 126 47.83 15.31 28.54
C ASP B 126 48.81 14.18 28.21
N GLU B 127 48.46 12.94 28.58
CA GLU B 127 49.30 11.72 28.42
C GLU B 127 49.75 11.56 26.96
N GLN B 128 49.03 12.17 26.01
CA GLN B 128 49.26 12.03 24.55
C GLN B 128 50.15 13.17 24.05
N LEU B 129 49.87 14.39 24.51
CA LEU B 129 50.69 15.59 24.20
C LEU B 129 52.14 15.30 24.60
N LYS B 130 52.34 14.82 25.83
CA LYS B 130 53.65 14.36 26.35
C LYS B 130 54.30 13.41 25.33
N SER B 131 53.51 12.54 24.68
CA SER B 131 54.00 11.50 23.74
C SER B 131 54.23 12.07 22.33
N GLY B 132 53.81 13.31 22.06
CA GLY B 132 54.25 14.13 20.90
C GLY B 132 53.20 14.34 19.82
N THR B 133 52.08 13.61 19.87
CA THR B 133 51.03 13.65 18.81
C THR B 133 49.68 14.06 19.45
N ALA B 134 48.89 14.85 18.73
CA ALA B 134 47.57 15.39 19.16
C ALA B 134 46.48 14.71 18.35
N SER B 135 45.41 14.24 19.02
CA SER B 135 44.26 13.58 18.37
C SER B 135 42.94 14.07 18.96
N VAL B 136 42.26 14.95 18.22
CA VAL B 136 40.91 15.50 18.55
C VAL B 136 39.87 14.54 17.95
N VAL B 137 38.79 14.28 18.69
CA VAL B 137 37.73 13.32 18.30
C VAL B 137 36.36 14.00 18.38
N CYS B 138 35.62 13.90 17.29
CA CYS B 138 34.22 14.38 17.15
C CYS B 138 33.31 13.17 17.01
N LEU B 139 32.41 13.01 17.98
CA LEU B 139 31.43 11.90 18.01
C LEU B 139 30.06 12.42 17.52
N LEU B 140 29.55 11.85 16.43
CA LEU B 140 28.12 11.97 16.04
C LEU B 140 27.41 10.73 16.56
N ASN B 141 26.56 10.86 17.58
CA ASN B 141 25.99 9.68 18.26
C ASN B 141 24.52 9.48 17.91
N ASN B 142 24.15 8.24 17.57
CA ASN B 142 22.75 7.79 17.32
C ASN B 142 22.05 8.70 16.30
N PHE B 143 22.52 8.72 15.05
CA PHE B 143 21.87 9.53 13.98
C PHE B 143 21.20 8.62 12.96
N TYR B 144 20.12 9.11 12.36
CA TYR B 144 19.34 8.40 11.32
C TYR B 144 18.58 9.41 10.48
N PRO B 145 18.71 9.44 9.14
CA PRO B 145 19.42 8.41 8.36
C PRO B 145 20.94 8.61 8.20
N ARG B 146 21.60 7.65 7.56
CA ARG B 146 23.08 7.59 7.47
C ARG B 146 23.64 8.93 6.97
N GLU B 147 23.03 9.55 5.96
CA GLU B 147 23.61 10.78 5.32
C GLU B 147 23.83 11.83 6.41
N ALA B 148 25.04 12.37 6.53
CA ALA B 148 25.40 13.38 7.55
C ALA B 148 26.73 14.04 7.18
N LYS B 149 26.71 15.33 6.88
CA LYS B 149 27.91 16.13 6.50
C LYS B 149 28.40 16.90 7.74
N TYR B 150 29.54 16.49 8.28
CA TYR B 150 30.27 17.16 9.38
C TYR B 150 31.58 17.73 8.81
N GLN B 151 32.25 18.62 9.53
CA GLN B 151 33.54 19.22 9.10
C GLN B 151 34.31 19.79 10.29
N TRP B 152 35.60 19.45 10.37
CA TRP B 152 36.60 20.03 11.31
C TRP B 152 36.93 21.45 10.84
N LYS B 153 36.83 22.43 11.74
CA LYS B 153 37.12 23.86 11.44
C LYS B 153 37.95 24.40 12.61
N VAL B 154 39.26 24.56 12.41
CA VAL B 154 40.20 25.04 13.48
C VAL B 154 40.41 26.54 13.31
N ASP B 155 40.03 27.32 14.32
CA ASP B 155 40.04 28.81 14.28
C ASP B 155 39.43 29.25 12.94
N ASN B 156 38.22 28.78 12.65
CA ASN B 156 37.43 29.06 11.41
C ASN B 156 38.31 28.80 10.18
N ALA B 157 38.89 27.60 10.08
CA ALA B 157 39.65 27.16 8.90
C ALA B 157 39.34 25.68 8.62
N LEU B 158 38.69 25.41 7.48
CA LEU B 158 38.32 24.04 7.02
C LEU B 158 39.60 23.19 6.87
N GLN B 159 39.75 22.19 7.73
CA GLN B 159 40.85 21.19 7.69
C GLN B 159 40.50 20.16 6.62
N SER B 160 41.50 19.47 6.07
CA SER B 160 41.30 18.44 5.02
C SER B 160 42.45 17.43 5.05
N GLY B 161 42.13 16.15 4.80
CA GLY B 161 43.08 15.01 4.69
C GLY B 161 43.84 14.72 5.98
N ASN B 162 43.52 15.40 7.09
CA ASN B 162 44.21 15.26 8.40
C ASN B 162 43.26 14.59 9.41
N SER B 163 42.19 13.96 8.92
CA SER B 163 41.17 13.29 9.75
C SER B 163 40.71 12.02 9.03
N GLN B 164 40.65 10.90 9.75
CA GLN B 164 39.99 9.64 9.33
C GLN B 164 38.69 9.51 10.14
N GLU B 165 37.80 8.60 9.74
CA GLU B 165 36.46 8.40 10.37
C GLU B 165 36.04 6.93 10.27
N SER B 166 35.44 6.43 11.33
CA SER B 166 34.82 5.10 11.45
C SER B 166 33.33 5.32 11.68
N VAL B 167 32.50 4.32 11.39
CA VAL B 167 31.02 4.36 11.52
C VAL B 167 30.55 3.04 12.11
N THR B 168 29.64 3.09 13.08
CA THR B 168 29.09 1.88 13.73
C THR B 168 28.16 1.19 12.73
N GLU B 169 28.06 -0.13 12.77
CA GLU B 169 26.98 -0.90 12.09
C GLU B 169 25.64 -0.37 12.63
N GLN B 170 24.72 0.00 11.74
CA GLN B 170 23.32 0.41 12.07
C GLN B 170 22.78 -0.47 13.21
N ASP B 171 22.21 0.14 14.26
CA ASP B 171 21.70 -0.59 15.46
C ASP B 171 20.50 -1.45 15.04
N SER B 172 20.43 -2.66 15.60
CA SER B 172 19.35 -3.63 15.35
C SER B 172 17.98 -2.99 15.66
N LYS B 173 17.82 -2.39 16.85
CA LYS B 173 16.53 -1.85 17.36
C LYS B 173 16.19 -0.53 16.64
N ASP B 174 16.88 0.56 16.96
CA ASP B 174 16.46 1.94 16.56
C ASP B 174 17.04 2.33 15.19
N SER B 175 17.75 1.45 14.49
CA SER B 175 18.39 1.71 13.17
C SER B 175 19.40 2.88 13.22
N THR B 176 19.88 3.29 14.39
CA THR B 176 20.74 4.49 14.50
C THR B 176 22.19 4.12 14.19
N TYR B 177 22.93 5.07 13.64
CA TYR B 177 24.38 4.95 13.39
C TYR B 177 25.11 5.87 14.35
N SER B 178 26.40 5.63 14.55
CA SER B 178 27.30 6.59 15.20
C SER B 178 28.57 6.71 14.38
N LEU B 179 29.12 7.91 14.36
CA LEU B 179 30.35 8.23 13.59
C LEU B 179 31.37 8.84 14.55
N SER B 180 32.64 8.46 14.42
CA SER B 180 33.78 9.05 15.18
C SER B 180 34.88 9.47 14.21
N SER B 181 35.11 10.78 14.07
CA SER B 181 36.20 11.35 13.25
C SER B 181 37.39 11.76 14.13
N THR B 182 38.59 11.31 13.79
CA THR B 182 39.81 11.56 14.59
C THR B 182 40.73 12.49 13.79
N LEU B 183 40.66 13.79 14.06
CA LEU B 183 41.60 14.80 13.52
C LEU B 183 42.92 14.65 14.28
N THR B 184 44.00 14.34 13.55
CA THR B 184 45.35 14.08 14.12
C THR B 184 46.29 15.19 13.64
N LEU B 185 47.08 15.74 14.56
CA LEU B 185 48.06 16.82 14.28
C LEU B 185 49.33 16.53 15.08
N SER B 186 50.38 17.33 14.92
CA SER B 186 51.60 17.30 15.79
C SER B 186 51.34 18.17 17.03
N LYS B 187 52.04 17.90 18.13
CA LYS B 187 51.97 18.73 19.37
C LYS B 187 52.25 20.18 18.98
N ALA B 188 53.12 20.40 17.99
CA ALA B 188 53.42 21.72 17.39
C ALA B 188 52.15 22.27 16.72
N ASP B 189 51.60 21.53 15.74
CA ASP B 189 50.41 21.96 14.96
C ASP B 189 49.20 22.11 15.90
N TYR B 190 49.32 21.68 17.17
CA TYR B 190 48.24 21.78 18.18
C TYR B 190 48.40 23.05 19.03
N GLU B 191 49.60 23.31 19.54
CA GLU B 191 49.87 24.50 20.40
C GLU B 191 49.86 25.76 19.52
N LYS B 192 49.55 25.64 18.23
CA LYS B 192 49.56 26.74 17.22
C LYS B 192 48.19 27.45 17.17
N HIS B 193 47.08 26.75 17.41
CA HIS B 193 45.70 27.31 17.26
C HIS B 193 44.97 27.31 18.62
N LYS B 194 43.75 27.87 18.67
CA LYS B 194 43.02 28.18 19.94
C LYS B 194 41.73 27.36 20.06
N VAL B 195 40.72 27.68 19.23
CA VAL B 195 39.37 27.04 19.25
C VAL B 195 39.33 25.94 18.18
N TYR B 196 39.49 24.70 18.63
CA TYR B 196 39.25 23.45 17.85
C TYR B 196 37.76 23.13 17.93
N ALA B 197 37.11 23.03 16.76
CA ALA B 197 35.65 22.91 16.59
C ALA B 197 35.30 21.81 15.60
N CYS B 198 34.00 21.68 15.30
CA CYS B 198 33.39 20.54 14.55
C CYS B 198 31.93 20.88 14.23
N GLU B 199 31.67 21.28 12.99
CA GLU B 199 30.32 21.66 12.48
C GLU B 199 29.64 20.40 11.96
N VAL B 200 28.41 20.13 12.41
CA VAL B 200 27.63 18.90 12.03
C VAL B 200 26.29 19.31 11.42
N THR B 201 25.99 18.73 10.26
CA THR B 201 24.70 18.90 9.53
C THR B 201 24.07 17.52 9.40
N HIS B 202 22.73 17.50 9.48
CA HIS B 202 21.86 16.30 9.45
C HIS B 202 20.41 16.79 9.40
N GLN B 203 19.53 16.06 8.69
CA GLN B 203 18.08 16.37 8.64
C GLN B 203 17.58 16.72 10.03
N GLY B 204 17.89 15.86 11.01
CA GLY B 204 17.42 15.90 12.40
C GLY B 204 17.57 17.26 13.04
N LEU B 205 18.67 17.95 12.73
CA LEU B 205 19.00 19.29 13.31
C LEU B 205 18.26 20.36 12.52
N SER B 206 17.71 21.38 13.20
CA SER B 206 17.18 22.61 12.56
C SER B 206 18.30 23.26 11.75
N SER B 207 19.30 23.77 12.48
CA SER B 207 20.51 24.44 11.95
C SER B 207 21.73 23.60 12.31
N PRO B 208 22.80 23.61 11.48
CA PRO B 208 24.06 22.95 11.82
C PRO B 208 24.54 23.28 13.24
N VAL B 209 24.94 22.23 13.97
CA VAL B 209 25.48 22.33 15.36
C VAL B 209 27.01 22.30 15.30
N THR B 210 27.67 23.20 16.05
CA THR B 210 29.15 23.31 16.08
C THR B 210 29.61 23.12 17.53
N LYS B 211 30.12 21.93 17.85
CA LYS B 211 30.80 21.69 19.16
C LYS B 211 32.23 22.21 19.05
N SER B 212 32.66 23.03 20.00
CA SER B 212 34.03 23.64 20.01
C SER B 212 34.60 23.67 21.43
N PHE B 213 35.93 23.71 21.57
CA PHE B 213 36.66 23.89 22.85
C PHE B 213 37.85 24.82 22.61
N ASN B 214 38.23 25.61 23.63
CA ASN B 214 39.35 26.58 23.61
C ASN B 214 40.57 25.94 24.28
N ARG B 215 41.56 26.74 24.71
CA ARG B 215 42.82 26.27 25.37
C ARG B 215 43.44 25.15 24.52
N GLY B 216 43.73 25.45 23.25
CA GLY B 216 44.42 24.52 22.32
C GLY B 216 45.93 24.60 22.48
C1 EDO C . -28.32 -0.72 21.65
O1 EDO C . -28.02 -0.35 20.32
C2 EDO C . -28.78 -2.13 21.76
O2 EDO C . -27.87 -3.07 21.23
#